data_1O4T
#
_entry.id   1O4T
#
_cell.length_a   89.132
_cell.length_b   49.738
_cell.length_c   69.547
_cell.angle_alpha   90.00
_cell.angle_beta   123.73
_cell.angle_gamma   90.00
#
_symmetry.space_group_name_H-M   'C 1 2 1'
#
loop_
_entity.id
_entity.type
_entity.pdbx_description
1 polymer 'putative oxalate decarboxylase'
2 non-polymer 'MANGANESE (II) ION'
3 non-polymer 'OXALATE ION'
4 water water
#
_entity_poly.entity_id   1
_entity_poly.type   'polypeptide(L)'
_entity_poly.pdbx_seq_one_letter_code
;MGSDKIHHHHHHMKEGTGMVVRSSEITPERISNMRGGKGEVEMAHLLSKEAMHNKARLFARMKLPPGSSVGLHKHEGEFE
IYYILLGEGVFHDNGKDVPIKAGDVCFTDSGESHSIENTGNTDLEFLAVIILL
;
_entity_poly.pdbx_strand_id   A,B
#
# COMPACT_ATOMS: atom_id res chain seq x y z
N MET A 19 -12.76 -6.64 -7.45
CA MET A 19 -12.47 -7.82 -6.60
C MET A 19 -11.89 -7.39 -5.24
N VAL A 20 -12.01 -8.29 -4.29
CA VAL A 20 -11.38 -8.22 -3.03
C VAL A 20 -10.48 -9.44 -2.89
N VAL A 21 -9.26 -9.22 -2.41
CA VAL A 21 -8.32 -10.30 -2.11
C VAL A 21 -7.99 -10.22 -0.62
N ARG A 22 -8.33 -11.26 0.14
CA ARG A 22 -7.99 -11.32 1.57
C ARG A 22 -6.54 -11.80 1.79
N SER A 23 -5.63 -10.84 2.08
CA SER A 23 -4.18 -11.13 2.30
C SER A 23 -4.07 -12.38 3.16
N SER A 24 -4.81 -12.33 4.26
CA SER A 24 -4.80 -13.38 5.25
C SER A 24 -4.90 -14.76 4.56
N GLU A 25 -5.49 -14.80 3.37
CA GLU A 25 -5.75 -16.06 2.68
C GLU A 25 -4.97 -16.29 1.35
N ILE A 26 -3.78 -15.68 1.26
CA ILE A 26 -2.86 -15.90 0.15
C ILE A 26 -1.66 -16.64 0.73
N THR A 27 -1.25 -17.73 0.09
CA THR A 27 -0.09 -18.48 0.55
C THR A 27 1.19 -17.77 0.12
N PRO A 28 2.00 -17.37 1.08
CA PRO A 28 3.22 -16.65 0.77
C PRO A 28 4.26 -17.57 0.12
N GLU A 29 5.16 -17.04 -0.68
CA GLU A 29 6.33 -17.81 -1.08
C GLU A 29 7.49 -17.48 -0.17
N ARG A 30 8.13 -18.54 0.33
CA ARG A 30 9.27 -18.37 1.22
C ARG A 30 10.51 -18.28 0.33
N ILE A 31 11.28 -17.21 0.50
CA ILE A 31 12.48 -16.96 -0.33
C ILE A 31 13.68 -16.84 0.60
N SER A 32 14.74 -17.60 0.32
CA SER A 32 15.96 -17.54 1.12
C SER A 32 16.99 -16.64 0.41
N ASN A 33 17.64 -15.79 1.20
CA ASN A 33 18.65 -14.85 0.71
C ASN A 33 18.14 -13.99 -0.44
N MET A 34 16.97 -13.37 -0.23
CA MET A 34 16.30 -12.65 -1.27
C MET A 34 17.19 -11.48 -1.69
N ARG A 35 17.46 -11.39 -2.98
CA ARG A 35 18.41 -10.42 -3.54
C ARG A 35 19.73 -10.42 -2.82
N GLY A 36 20.18 -11.59 -2.37
CA GLY A 36 21.40 -11.68 -1.57
C GLY A 36 21.31 -11.23 -0.11
N GLY A 37 20.10 -11.15 0.46
CA GLY A 37 19.92 -10.74 1.86
C GLY A 37 20.10 -11.87 2.86
N LYS A 38 19.81 -11.63 4.12
CA LYS A 38 20.03 -12.61 5.20
C LYS A 38 18.75 -13.38 5.52
N GLY A 39 18.93 -14.66 5.87
CA GLY A 39 17.82 -15.52 6.28
C GLY A 39 16.71 -15.69 5.25
N GLU A 40 15.52 -16.01 5.73
CA GLU A 40 14.38 -16.38 4.90
C GLU A 40 13.32 -15.30 5.06
N VAL A 41 12.67 -14.98 3.96
CA VAL A 41 11.68 -13.94 3.82
C VAL A 41 10.40 -14.56 3.21
N GLU A 42 9.23 -13.93 3.39
CA GLU A 42 7.98 -14.41 2.78
C GLU A 42 7.38 -13.33 1.93
N MET A 43 6.97 -13.70 0.73
CA MET A 43 6.34 -12.78 -0.20
C MET A 43 4.96 -13.30 -0.62
N ALA A 44 3.93 -12.51 -0.31
CA ALA A 44 2.55 -12.79 -0.74
C ALA A 44 2.19 -11.85 -1.88
N HIS A 45 2.00 -12.40 -3.08
CA HIS A 45 1.61 -11.59 -4.23
C HIS A 45 0.10 -11.34 -4.15
N LEU A 46 -0.29 -10.08 -4.16
CA LEU A 46 -1.68 -9.71 -3.91
C LEU A 46 -2.46 -9.42 -5.19
N LEU A 47 -1.78 -8.80 -6.17
CA LEU A 47 -2.34 -8.57 -7.50
C LEU A 47 -1.31 -8.84 -8.55
N SER A 48 -1.72 -9.44 -9.65
CA SER A 48 -0.82 -9.69 -10.76
C SER A 48 -0.61 -8.43 -11.58
N LYS A 49 0.44 -8.46 -12.40
CA LYS A 49 0.80 -7.35 -13.26
C LYS A 49 -0.27 -7.20 -14.35
N GLU A 50 -0.76 -8.33 -14.86
CA GLU A 50 -1.91 -8.34 -15.76
C GLU A 50 -3.14 -7.66 -15.16
N ALA A 51 -3.50 -8.03 -13.93
CA ALA A 51 -4.53 -7.30 -13.19
C ALA A 51 -4.26 -5.79 -13.26
N MET A 52 -3.00 -5.41 -13.09
CA MET A 52 -2.62 -3.99 -12.98
C MET A 52 -2.29 -3.39 -14.33
N HIS A 53 -2.86 -3.98 -15.38
CA HIS A 53 -2.75 -3.52 -16.77
C HIS A 53 -1.30 -3.30 -17.18
N ASN A 54 -0.41 -4.14 -16.67
CA ASN A 54 1.02 -4.05 -17.00
C ASN A 54 1.65 -2.68 -16.67
N LYS A 55 1.02 -1.93 -15.76
CA LYS A 55 1.51 -0.63 -15.32
C LYS A 55 2.38 -0.74 -14.06
N ALA A 56 2.17 -1.82 -13.31
CA ALA A 56 2.95 -2.16 -12.12
C ALA A 56 3.27 -3.64 -12.24
N ARG A 57 4.45 -4.03 -11.81
CA ARG A 57 4.84 -5.42 -11.96
C ARG A 57 4.83 -6.20 -10.63
N LEU A 58 4.68 -5.50 -9.50
CA LEU A 58 4.62 -6.12 -8.18
C LEU A 58 3.68 -5.36 -7.25
N PHE A 59 2.82 -6.10 -6.54
CA PHE A 59 2.01 -5.57 -5.46
C PHE A 59 1.94 -6.69 -4.42
N ALA A 60 2.83 -6.64 -3.41
CA ALA A 60 3.05 -7.77 -2.54
C ALA A 60 3.20 -7.34 -1.11
N ARG A 61 2.87 -8.26 -0.22
CA ARG A 61 3.10 -8.09 1.21
C ARG A 61 4.31 -8.94 1.60
N MET A 62 5.31 -8.30 2.21
CA MET A 62 6.55 -9.00 2.57
C MET A 62 6.55 -9.15 4.07
N LYS A 63 7.08 -10.27 4.56
CA LYS A 63 7.31 -10.52 5.97
C LYS A 63 8.76 -10.90 6.14
N LEU A 64 9.48 -10.10 6.92
CA LEU A 64 10.88 -10.33 7.30
C LEU A 64 10.95 -10.76 8.78
N PRO A 65 11.24 -12.02 9.03
CA PRO A 65 11.50 -12.47 10.40
C PRO A 65 12.66 -11.70 11.02
N PRO A 66 12.73 -11.66 12.35
CA PRO A 66 13.85 -11.06 13.04
C PRO A 66 15.18 -11.57 12.50
N GLY A 67 16.05 -10.63 12.13
CA GLY A 67 17.38 -10.97 11.62
C GLY A 67 17.50 -11.02 10.09
N SER A 68 16.37 -11.00 9.38
CA SER A 68 16.38 -11.21 7.96
C SER A 68 16.45 -9.87 7.20
N SER A 69 16.77 -9.95 5.93
CA SER A 69 16.86 -8.76 5.07
C SER A 69 16.55 -9.10 3.64
N VAL A 70 16.09 -8.10 2.89
CA VAL A 70 16.15 -8.14 1.43
C VAL A 70 17.44 -7.43 1.05
N GLY A 71 18.25 -8.07 0.21
CA GLY A 71 19.59 -7.63 -0.08
C GLY A 71 19.60 -6.46 -1.03
N LEU A 72 20.74 -5.80 -1.12
CA LEU A 72 20.89 -4.63 -1.97
C LEU A 72 20.67 -5.02 -3.42
N HIS A 73 19.78 -4.28 -4.11
CA HIS A 73 19.57 -4.46 -5.53
C HIS A 73 19.08 -3.17 -6.13
N LYS A 74 19.23 -3.09 -7.43
CA LYS A 74 18.98 -1.90 -8.22
C LYS A 74 17.68 -2.03 -9.00
N HIS A 75 16.99 -0.90 -9.16
CA HIS A 75 15.81 -0.77 -10.00
C HIS A 75 16.10 0.16 -11.18
N GLU A 76 15.81 -0.27 -12.39
CA GLU A 76 15.97 0.60 -13.55
C GLU A 76 14.76 0.48 -14.43
N GLY A 77 14.25 1.63 -14.86
CA GLY A 77 13.07 1.68 -15.68
C GLY A 77 11.80 1.44 -14.89
N GLU A 78 11.86 1.57 -13.58
CA GLU A 78 10.73 1.40 -12.68
C GLU A 78 11.05 2.08 -11.36
N PHE A 79 10.06 2.17 -10.47
CA PHE A 79 10.31 2.64 -9.13
C PHE A 79 9.54 1.80 -8.14
N GLU A 80 10.02 1.76 -6.90
CA GLU A 80 9.39 0.97 -5.84
C GLU A 80 9.05 1.78 -4.60
N ILE A 81 7.89 1.47 -4.03
CA ILE A 81 7.42 2.05 -2.80
C ILE A 81 7.26 0.91 -1.79
N TYR A 82 7.81 1.07 -0.60
CA TYR A 82 7.41 0.27 0.52
C TYR A 82 6.49 1.08 1.45
N TYR A 83 5.41 0.46 1.92
CA TYR A 83 4.66 0.98 3.07
C TYR A 83 4.83 0.00 4.26
N ILE A 84 5.44 0.49 5.32
CA ILE A 84 5.74 -0.37 6.47
C ILE A 84 4.47 -0.59 7.29
N LEU A 85 4.10 -1.86 7.44
CA LEU A 85 2.86 -2.25 8.13
C LEU A 85 3.03 -2.63 9.60
N LEU A 86 4.13 -3.30 9.95
CA LEU A 86 4.37 -3.80 11.29
C LEU A 86 5.85 -3.85 11.51
N GLY A 87 6.27 -3.64 12.75
CA GLY A 87 7.64 -3.85 13.19
C GLY A 87 8.56 -2.68 12.91
N GLU A 88 9.85 -2.97 12.98
CA GLU A 88 10.91 -1.98 12.86
C GLU A 88 12.07 -2.52 12.03
N GLY A 89 12.86 -1.63 11.49
CA GLY A 89 14.03 -2.02 10.74
C GLY A 89 14.80 -0.85 10.17
N VAL A 90 15.66 -1.15 9.20
CA VAL A 90 16.50 -0.15 8.58
C VAL A 90 16.38 -0.28 7.06
N PHE A 91 16.01 0.83 6.42
CA PHE A 91 15.91 0.96 4.99
C PHE A 91 17.17 1.63 4.45
N HIS A 92 17.80 1.00 3.47
CA HIS A 92 18.96 1.57 2.82
C HIS A 92 18.54 2.09 1.46
N ASP A 93 18.82 3.35 1.19
CA ASP A 93 18.62 3.90 -0.16
C ASP A 93 19.52 5.13 -0.37
N ASN A 94 19.99 5.30 -1.60
CA ASN A 94 20.96 6.35 -1.98
C ASN A 94 22.16 6.41 -1.02
N GLY A 95 22.67 5.25 -0.64
CA GLY A 95 23.88 5.16 0.15
C GLY A 95 23.70 5.49 1.63
N LYS A 96 22.44 5.52 2.09
CA LYS A 96 22.12 5.90 3.49
C LYS A 96 21.25 4.86 4.19
N ASP A 97 21.54 4.59 5.45
CA ASP A 97 20.60 3.83 6.30
C ASP A 97 19.69 4.74 7.10
N VAL A 98 18.41 4.43 7.07
CA VAL A 98 17.36 5.19 7.77
C VAL A 98 16.52 4.18 8.56
N PRO A 99 16.39 4.34 9.88
CA PRO A 99 15.49 3.49 10.63
C PRO A 99 14.04 3.76 10.31
N ILE A 100 13.27 2.67 10.17
CA ILE A 100 11.89 2.73 9.78
C ILE A 100 11.02 1.94 10.72
N LYS A 101 9.73 2.27 10.67
CA LYS A 101 8.71 1.67 11.48
C LYS A 101 7.36 1.77 10.76
N ALA A 102 6.40 1.03 11.31
CA ALA A 102 5.02 1.09 10.89
C ALA A 102 4.58 2.50 10.57
N GLY A 103 3.99 2.65 9.39
CA GLY A 103 3.51 3.96 8.96
C GLY A 103 4.45 4.68 8.00
N ASP A 104 5.70 4.23 7.91
CA ASP A 104 6.68 4.86 7.02
C ASP A 104 6.52 4.44 5.56
N VAL A 105 6.69 5.39 4.67
CA VAL A 105 6.74 5.11 3.24
C VAL A 105 8.21 5.18 2.84
N CYS A 106 8.70 4.15 2.13
CA CYS A 106 10.06 4.15 1.57
C CYS A 106 9.95 4.17 0.07
N PHE A 107 10.52 5.20 -0.54
CA PHE A 107 10.46 5.44 -1.98
C PHE A 107 11.83 5.23 -2.63
N THR A 108 11.90 4.31 -3.59
CA THR A 108 13.14 4.09 -4.35
C THR A 108 12.91 4.39 -5.82
N ASP A 109 13.70 5.32 -6.35
CA ASP A 109 13.45 5.84 -7.68
C ASP A 109 14.24 5.04 -8.70
N SER A 110 13.94 5.27 -9.98
CA SER A 110 14.64 4.57 -11.07
C SER A 110 16.12 4.90 -10.96
N GLY A 111 16.97 3.89 -11.09
CA GLY A 111 18.40 4.10 -11.05
C GLY A 111 19.02 3.94 -9.70
N GLU A 112 18.19 3.96 -8.63
CA GLU A 112 18.69 3.75 -7.28
C GLU A 112 18.66 2.27 -6.88
N SER A 113 19.48 1.93 -5.90
CA SER A 113 19.52 0.60 -5.32
C SER A 113 19.07 0.71 -3.88
N HIS A 114 18.40 -0.35 -3.38
CA HIS A 114 17.95 -0.38 -2.00
C HIS A 114 18.01 -1.78 -1.37
N SER A 115 17.80 -1.79 -0.05
CA SER A 115 17.75 -3.00 0.76
C SER A 115 16.93 -2.67 1.98
N ILE A 116 16.53 -3.70 2.73
CA ILE A 116 15.81 -3.44 3.97
C ILE A 116 16.07 -4.58 4.92
N GLU A 117 16.35 -4.25 6.18
CA GLU A 117 16.66 -5.24 7.19
C GLU A 117 15.78 -5.12 8.43
N ASN A 118 15.34 -6.27 8.94
CA ASN A 118 14.64 -6.32 10.23
C ASN A 118 15.63 -6.36 11.40
N THR A 119 15.77 -5.23 12.07
CA THR A 119 16.68 -5.12 13.20
C THR A 119 15.93 -5.26 14.54
N GLY A 120 14.68 -5.70 14.53
CA GLY A 120 13.90 -5.83 15.79
C GLY A 120 13.66 -7.29 16.13
N ASN A 121 12.81 -7.53 17.13
CA ASN A 121 12.51 -8.88 17.63
C ASN A 121 11.14 -9.42 17.30
N THR A 122 10.40 -8.69 16.46
CA THR A 122 9.17 -9.19 15.91
C THR A 122 9.25 -9.03 14.41
N ASP A 123 8.30 -9.64 13.71
CA ASP A 123 8.28 -9.56 12.28
C ASP A 123 8.16 -8.13 11.78
N LEU A 124 8.95 -7.80 10.76
CA LEU A 124 8.78 -6.56 10.01
C LEU A 124 7.93 -6.89 8.77
N GLU A 125 6.76 -6.31 8.63
CA GLU A 125 5.99 -6.52 7.42
C GLU A 125 5.78 -5.22 6.68
N PHE A 126 5.72 -5.30 5.36
CA PHE A 126 5.46 -4.15 4.56
C PHE A 126 4.87 -4.51 3.21
N LEU A 127 4.23 -3.53 2.63
CA LEU A 127 3.75 -3.60 1.28
C LEU A 127 4.79 -3.12 0.30
N ALA A 128 4.95 -3.82 -0.83
CA ALA A 128 5.90 -3.43 -1.88
C ALA A 128 5.18 -3.32 -3.20
N VAL A 129 5.35 -2.19 -3.89
CA VAL A 129 4.70 -1.94 -5.14
C VAL A 129 5.75 -1.43 -6.16
N ILE A 130 5.89 -2.10 -7.29
CA ILE A 130 6.85 -1.65 -8.29
C ILE A 130 6.06 -1.11 -9.46
N ILE A 131 6.31 0.14 -9.85
CA ILE A 131 5.58 0.80 -10.89
C ILE A 131 6.56 1.09 -12.05
N LEU A 132 6.11 0.71 -13.24
CA LEU A 132 6.95 0.73 -14.42
C LEU A 132 7.15 2.14 -15.00
N LEU A 133 8.42 2.37 -15.39
CA LEU A 133 9.02 3.59 -15.98
C LEU A 133 9.27 4.78 -15.05
N MET B 19 13.91 8.53 -0.44
CA MET B 19 13.30 9.30 0.67
C MET B 19 12.39 8.38 1.51
N VAL B 20 12.26 8.75 2.77
CA VAL B 20 11.34 8.11 3.67
C VAL B 20 10.39 9.20 4.09
N VAL B 21 9.10 8.87 4.07
CA VAL B 21 8.02 9.75 4.51
C VAL B 21 7.36 9.06 5.70
N ARG B 22 7.32 9.74 6.83
CA ARG B 22 6.72 9.18 8.05
C ARG B 22 5.26 9.62 8.19
N SER B 23 4.34 8.70 7.92
CA SER B 23 2.88 8.96 7.92
C SER B 23 2.40 9.82 9.04
N SER B 24 2.88 9.48 10.25
CA SER B 24 2.40 10.12 11.47
C SER B 24 2.73 11.61 11.45
N GLU B 25 3.71 12.02 10.65
CA GLU B 25 4.15 13.38 10.65
C GLU B 25 3.50 14.20 9.54
N ILE B 26 2.59 13.61 8.76
CA ILE B 26 1.90 14.35 7.70
C ILE B 26 0.60 14.85 8.31
N THR B 27 0.30 16.13 8.10
CA THR B 27 -1.01 16.65 8.55
C THR B 27 -2.07 16.22 7.53
N PRO B 28 -3.06 15.44 7.97
CA PRO B 28 -4.10 15.01 7.04
C PRO B 28 -5.01 16.18 6.61
N GLU B 29 -5.67 16.09 5.45
CA GLU B 29 -6.77 17.00 5.18
C GLU B 29 -8.09 16.42 5.65
N ARG B 30 -8.85 17.18 6.42
CA ARG B 30 -10.20 16.75 6.79
C ARG B 30 -11.15 17.02 5.66
N ILE B 31 -11.95 16.01 5.29
CA ILE B 31 -12.86 16.12 4.17
C ILE B 31 -14.25 15.68 4.59
N SER B 32 -15.24 16.58 4.50
CA SER B 32 -16.63 16.18 4.75
C SER B 32 -17.30 15.73 3.49
N ASN B 33 -18.09 14.66 3.63
CA ASN B 33 -18.91 14.12 2.60
C ASN B 33 -18.05 13.86 1.36
N MET B 34 -16.98 13.10 1.57
CA MET B 34 -16.06 12.84 0.50
C MET B 34 -16.78 12.04 -0.58
N ARG B 35 -16.70 12.52 -1.81
CA ARG B 35 -17.43 12.01 -2.97
C ARG B 35 -18.90 11.76 -2.63
N GLY B 36 -19.50 12.67 -1.89
CA GLY B 36 -20.90 12.51 -1.48
C GLY B 36 -21.11 11.45 -0.43
N GLY B 37 -20.04 11.04 0.26
CA GLY B 37 -20.23 10.09 1.37
C GLY B 37 -20.74 10.69 2.68
N LYS B 38 -20.76 9.88 3.72
CA LYS B 38 -21.23 10.29 5.03
C LYS B 38 -20.10 10.70 5.92
N GLY B 39 -20.38 11.71 6.76
CA GLY B 39 -19.47 12.16 7.83
C GLY B 39 -18.20 12.76 7.31
N GLU B 40 -17.19 12.80 8.17
CA GLU B 40 -15.93 13.45 7.86
C GLU B 40 -14.78 12.47 7.92
N VAL B 41 -14.04 12.39 6.83
CA VAL B 41 -12.83 11.58 6.78
C VAL B 41 -11.50 12.39 6.82
N GLU B 42 -10.37 11.68 6.96
CA GLU B 42 -9.03 12.32 6.92
C GLU B 42 -8.23 11.67 5.83
N MET B 43 -7.57 12.50 5.02
CA MET B 43 -6.67 12.00 3.97
C MET B 43 -5.28 12.60 4.11
N ALA B 44 -4.28 11.73 4.20
CA ALA B 44 -2.88 12.12 4.21
C ALA B 44 -2.22 11.73 2.89
N HIS B 45 -1.85 12.73 2.08
CA HIS B 45 -1.21 12.46 0.80
C HIS B 45 0.23 12.07 1.13
N LEU B 46 0.65 10.91 0.67
CA LEU B 46 1.94 10.35 1.06
C LEU B 46 3.00 10.59 0.01
N LEU B 47 2.63 10.50 -1.26
CA LEU B 47 3.54 10.81 -2.37
C LEU B 47 2.78 11.59 -3.40
N SER B 48 3.44 12.53 -4.07
CA SER B 48 2.78 13.31 -5.13
C SER B 48 2.82 12.55 -6.46
N LYS B 49 1.91 12.93 -7.36
CA LYS B 49 1.94 12.44 -8.76
C LYS B 49 3.30 12.63 -9.41
N GLU B 50 3.88 13.81 -9.22
CA GLU B 50 5.17 14.14 -9.78
C GLU B 50 6.24 13.11 -9.40
N ALA B 51 6.34 12.84 -8.09
CA ALA B 51 7.34 11.93 -7.54
C ALA B 51 7.17 10.54 -8.11
N MET B 52 5.94 10.21 -8.47
CA MET B 52 5.59 8.93 -9.04
C MET B 52 5.56 9.02 -10.57
N HIS B 53 6.26 10.01 -11.13
CA HIS B 53 6.52 10.12 -12.58
C HIS B 53 5.24 10.21 -13.39
N ASN B 54 4.18 10.74 -12.78
CA ASN B 54 2.89 10.85 -13.43
C ASN B 54 2.27 9.51 -13.83
N LYS B 55 2.67 8.42 -13.15
CA LYS B 55 2.14 7.06 -13.40
C LYS B 55 0.98 6.75 -12.44
N ALA B 56 0.99 7.41 -11.28
CA ALA B 56 -0.10 7.31 -10.32
C ALA B 56 -0.46 8.72 -9.92
N ARG B 57 -1.74 8.95 -9.64
CA ARG B 57 -2.20 10.29 -9.29
C ARG B 57 -2.54 10.45 -7.79
N LEU B 58 -2.51 9.36 -7.05
CA LEU B 58 -2.80 9.39 -5.63
C LEU B 58 -2.09 8.26 -4.93
N PHE B 59 -1.46 8.57 -3.81
CA PHE B 59 -0.97 7.58 -2.84
C PHE B 59 -1.22 8.12 -1.44
N ALA B 60 -2.36 7.74 -0.86
CA ALA B 60 -2.86 8.37 0.35
C ALA B 60 -3.24 7.34 1.40
N ARG B 61 -3.17 7.76 2.67
CA ARG B 61 -3.64 7.02 3.82
C ARG B 61 -4.94 7.71 4.32
N MET B 62 -6.04 6.96 4.28
CA MET B 62 -7.37 7.47 4.57
C MET B 62 -7.76 6.97 5.95
N LYS B 63 -8.52 7.77 6.65
CA LYS B 63 -9.08 7.38 7.93
C LYS B 63 -10.53 7.77 7.98
N LEU B 64 -11.37 6.74 8.14
CA LEU B 64 -12.84 6.87 8.29
C LEU B 64 -13.28 6.55 9.72
N PRO B 65 -13.79 7.54 10.45
CA PRO B 65 -14.38 7.21 11.74
C PRO B 65 -15.64 6.35 11.51
N PRO B 66 -16.12 5.66 12.54
CA PRO B 66 -17.35 4.85 12.44
C PRO B 66 -18.49 5.67 11.92
N GLY B 67 -19.25 5.10 10.98
CA GLY B 67 -20.39 5.78 10.46
C GLY B 67 -20.00 6.57 9.22
N SER B 68 -18.70 6.82 8.98
CA SER B 68 -18.29 7.64 7.79
C SER B 68 -18.08 6.76 6.57
N SER B 69 -18.09 7.39 5.36
CA SER B 69 -17.91 6.70 4.08
C SER B 69 -17.35 7.61 2.99
N VAL B 70 -16.68 6.99 2.02
CA VAL B 70 -16.35 7.62 0.76
C VAL B 70 -17.50 7.19 -0.14
N GLY B 71 -18.23 8.16 -0.68
CA GLY B 71 -19.50 7.88 -1.38
C GLY B 71 -19.22 7.27 -2.72
N LEU B 72 -20.27 6.81 -3.38
CA LEU B 72 -20.13 6.12 -4.64
C LEU B 72 -19.60 7.03 -5.73
N HIS B 73 -18.60 6.54 -6.49
CA HIS B 73 -18.00 7.30 -7.57
C HIS B 73 -17.32 6.39 -8.58
N LYS B 74 -17.22 6.89 -9.81
CA LYS B 74 -16.76 6.15 -10.95
C LYS B 74 -15.30 6.50 -11.28
N HIS B 75 -14.52 5.50 -11.70
CA HIS B 75 -13.22 5.70 -12.23
C HIS B 75 -13.12 5.37 -13.73
N GLU B 76 -12.51 6.26 -14.50
CA GLU B 76 -12.30 6.05 -15.94
C GLU B 76 -10.89 6.42 -16.35
N GLY B 77 -10.27 5.62 -17.21
CA GLY B 77 -8.89 5.85 -17.62
C GLY B 77 -7.84 5.60 -16.54
N GLU B 78 -8.23 4.87 -15.48
CA GLU B 78 -7.34 4.57 -14.38
C GLU B 78 -7.97 3.46 -13.56
N PHE B 79 -7.22 2.91 -12.62
CA PHE B 79 -7.74 1.96 -11.65
C PHE B 79 -7.22 2.34 -10.29
N GLU B 80 -7.87 1.78 -9.27
CA GLU B 80 -7.57 2.12 -7.87
C GLU B 80 -7.55 0.88 -6.99
N ILE B 81 -6.64 0.90 -6.04
CA ILE B 81 -6.43 -0.15 -5.09
C ILE B 81 -6.54 0.44 -3.73
N TYR B 82 -7.29 -0.20 -2.85
CA TYR B 82 -7.26 0.07 -1.43
C TYR B 82 -6.60 -1.15 -0.80
N TYR B 83 -5.67 -0.87 0.11
CA TYR B 83 -5.16 -1.88 1.00
C TYR B 83 -5.64 -1.49 2.40
N ILE B 84 -6.49 -2.32 3.00
CA ILE B 84 -7.06 -2.01 4.32
C ILE B 84 -5.98 -2.18 5.44
N LEU B 85 -5.77 -1.12 6.24
CA LEU B 85 -4.76 -1.11 7.35
C LEU B 85 -5.24 -1.53 8.73
N LEU B 86 -6.43 -1.07 9.09
CA LEU B 86 -7.00 -1.21 10.42
C LEU B 86 -8.50 -1.15 10.23
N GLY B 87 -9.20 -1.99 10.98
CA GLY B 87 -10.64 -1.85 11.19
C GLY B 87 -11.39 -2.74 10.21
N GLU B 88 -12.67 -2.47 10.08
CA GLU B 88 -13.53 -3.22 9.19
C GLU B 88 -14.61 -2.33 8.63
N GLY B 89 -15.28 -2.81 7.59
CA GLY B 89 -16.29 -2.04 6.93
C GLY B 89 -16.84 -2.80 5.73
N VAL B 90 -17.37 -2.04 4.78
CA VAL B 90 -18.02 -2.61 3.59
C VAL B 90 -17.54 -1.86 2.38
N PHE B 91 -17.01 -2.61 1.39
CA PHE B 91 -16.52 -2.11 0.10
C PHE B 91 -17.57 -2.43 -0.96
N HIS B 92 -18.03 -1.39 -1.65
CA HIS B 92 -19.01 -1.58 -2.69
C HIS B 92 -18.30 -1.57 -4.02
N ASP B 93 -18.47 -2.60 -4.82
CA ASP B 93 -17.93 -2.56 -6.18
C ASP B 93 -18.78 -3.50 -7.10
N ASN B 94 -19.03 -3.03 -8.30
CA ASN B 94 -19.83 -3.78 -9.25
C ASN B 94 -21.17 -4.21 -8.64
N GLY B 95 -21.83 -3.29 -7.94
CA GLY B 95 -23.17 -3.50 -7.45
C GLY B 95 -23.27 -4.40 -6.22
N LYS B 96 -22.13 -4.80 -5.65
CA LYS B 96 -22.10 -5.73 -4.52
C LYS B 96 -21.45 -5.08 -3.29
N ASP B 97 -22.05 -5.30 -2.13
CA ASP B 97 -21.45 -4.90 -0.87
C ASP B 97 -20.65 -6.08 -0.31
N VAL B 98 -19.38 -5.86 0.00
CA VAL B 98 -18.46 -6.91 0.44
C VAL B 98 -17.86 -6.50 1.78
N PRO B 99 -18.02 -7.32 2.82
CA PRO B 99 -17.37 -7.05 4.09
C PRO B 99 -15.86 -7.08 3.91
N ILE B 100 -15.17 -6.05 4.39
CA ILE B 100 -13.71 -6.06 4.42
C ILE B 100 -13.16 -5.71 5.81
N LYS B 101 -11.88 -6.02 5.94
CA LYS B 101 -11.16 -5.86 7.19
C LYS B 101 -9.68 -5.73 6.90
N ALA B 102 -8.91 -5.34 7.93
CA ALA B 102 -7.46 -5.12 7.80
C ALA B 102 -6.79 -6.30 7.11
N GLY B 103 -5.97 -6.00 6.11
CA GLY B 103 -5.29 -7.02 5.33
C GLY B 103 -5.87 -7.24 3.96
N ASP B 104 -7.13 -6.79 3.77
CA ASP B 104 -7.77 -6.91 2.47
C ASP B 104 -7.30 -5.88 1.45
N VAL B 105 -7.23 -6.32 0.20
CA VAL B 105 -6.99 -5.53 -0.99
C VAL B 105 -8.31 -5.37 -1.75
N CYS B 106 -8.69 -4.15 -2.09
CA CYS B 106 -9.89 -3.88 -2.85
C CYS B 106 -9.45 -3.33 -4.17
N PHE B 107 -9.87 -3.92 -5.27
CA PHE B 107 -9.42 -3.47 -6.57
C PHE B 107 -10.60 -2.94 -7.34
N THR B 108 -10.45 -1.73 -7.86
CA THR B 108 -11.52 -1.13 -8.65
C THR B 108 -10.98 -0.81 -10.02
N ASP B 109 -11.53 -1.45 -11.03
CA ASP B 109 -10.97 -1.37 -12.36
C ASP B 109 -11.57 -0.21 -13.07
N SER B 110 -10.98 0.14 -14.21
CA SER B 110 -11.46 1.25 -15.02
C SER B 110 -12.89 1.03 -15.54
N GLY B 111 -13.75 2.05 -15.40
CA GLY B 111 -15.16 1.94 -15.80
C GLY B 111 -16.07 1.56 -14.63
N GLU B 112 -15.47 1.05 -13.56
CA GLU B 112 -16.23 0.66 -12.39
C GLU B 112 -16.40 1.81 -11.40
N SER B 113 -17.40 1.68 -10.56
CA SER B 113 -17.72 2.62 -9.51
C SER B 113 -17.61 1.92 -8.19
N HIS B 114 -17.08 2.63 -7.20
CA HIS B 114 -16.93 2.08 -5.86
C HIS B 114 -17.17 3.08 -4.75
N SER B 115 -17.36 2.54 -3.55
CA SER B 115 -17.49 3.31 -2.31
C SER B 115 -17.00 2.43 -1.17
N ILE B 116 -16.84 3.03 -0.01
CA ILE B 116 -16.41 2.25 1.14
C ILE B 116 -16.96 2.93 2.36
N GLU B 117 -17.46 2.13 3.29
CA GLU B 117 -18.07 2.62 4.49
C GLU B 117 -17.54 1.95 5.76
N ASN B 118 -17.32 2.72 6.83
CA ASN B 118 -16.92 2.15 8.11
C ASN B 118 -18.17 1.78 8.91
N THR B 119 -18.47 0.48 8.87
CA THR B 119 -19.60 -0.10 9.54
C THR B 119 -19.20 -0.66 10.90
N GLY B 120 -17.93 -0.52 11.25
CA GLY B 120 -17.41 -0.98 12.48
C GLY B 120 -17.54 0.07 13.57
N ASN B 121 -16.84 -0.15 14.67
CA ASN B 121 -16.99 0.69 15.84
C ASN B 121 -15.68 1.32 16.26
N THR B 122 -14.61 1.04 15.52
CA THR B 122 -13.33 1.72 15.61
C THR B 122 -13.03 2.34 14.25
N ASP B 123 -11.93 3.07 14.14
CA ASP B 123 -11.53 3.67 12.86
C ASP B 123 -11.19 2.62 11.81
N LEU B 124 -11.50 2.96 10.56
CA LEU B 124 -11.17 2.18 9.39
C LEU B 124 -10.12 2.99 8.69
N GLU B 125 -8.93 2.40 8.53
CA GLU B 125 -7.82 3.03 7.79
C GLU B 125 -7.37 2.19 6.63
N PHE B 126 -7.00 2.88 5.59
CA PHE B 126 -6.57 2.21 4.35
C PHE B 126 -5.74 3.10 3.46
N LEU B 127 -4.91 2.44 2.68
CA LEU B 127 -4.15 3.04 1.64
C LEU B 127 -5.02 3.09 0.41
N ALA B 128 -4.88 4.16 -0.36
CA ALA B 128 -5.53 4.24 -1.65
C ALA B 128 -4.51 4.66 -2.69
N VAL B 129 -4.44 3.91 -3.80
CA VAL B 129 -3.54 4.27 -4.87
C VAL B 129 -4.26 4.21 -6.17
N ILE B 130 -4.16 5.30 -6.94
CA ILE B 130 -4.80 5.39 -8.24
C ILE B 130 -3.78 5.42 -9.36
N ILE B 131 -3.80 4.38 -10.18
CA ILE B 131 -2.80 4.22 -11.21
C ILE B 131 -3.45 4.48 -12.57
N LEU B 132 -2.74 5.25 -13.38
CA LEU B 132 -3.31 5.81 -14.58
C LEU B 132 -3.27 4.84 -15.75
N LEU B 133 -4.38 4.86 -16.50
CA LEU B 133 -4.71 4.00 -17.68
C LEU B 133 -4.99 2.51 -17.40
#